data_4WFD
#
_entry.id   4WFD
#
_cell.length_a   142.745
_cell.length_b   142.745
_cell.length_c   63.450
_cell.angle_alpha   90.000
_cell.angle_beta   90.000
_cell.angle_gamma   120.000
#
_symmetry.space_group_name_H-M   'P 3 1 2'
#
loop_
_entity.id
_entity.type
_entity.pdbx_description
1 polymer 'Exosome complex exonuclease RRP6'
2 polymer 'Exosome complex protein LRP1'
3 polymer 'ATP-dependent RNA helicase DOB1'
4 non-polymer 'YTTRIUM (III) ION'
5 water water
#
loop_
_entity_poly.entity_id
_entity_poly.type
_entity_poly.pdbx_seq_one_letter_code
_entity_poly.pdbx_strand_id
1 'polypeptide(L)'
;GPDSMTSENPDVLLSRVINVVRAASSLASQDVDFYKNLDRGFSKDLKSKADKLADMANEIILSIDEHHESFELKEEDISD
LWNNFGNIMDNLLEMSDHSLDKLNCAINSKSRGSD
;
A,D,G
2 'polypeptide(L)'
;MEDIEKIKPYVRSFSKALDELKPEIEKLTSKSLDEQLLLLSDERAKLELINRYAYVLSSLMFANMKVLGVKDMSPILGEL
KRVKSYMDKAKQYDNRITKSNEK
;
B,E,H
3 'polypeptide(L)' MDSTDLFDVFEETPVELPTK C,F,I
#
loop_
_chem_comp.id
_chem_comp.type
_chem_comp.name
_chem_comp.formula
YT3 non-polymer 'YTTRIUM (III) ION' 'Y 3'
#
# COMPACT_ATOMS: atom_id res chain seq x y z
N GLU A 8 12.58 -13.69 -14.01
CA GLU A 8 12.63 -14.48 -12.81
C GLU A 8 11.36 -15.28 -12.57
N ASN A 9 10.51 -15.35 -13.59
CA ASN A 9 9.29 -16.16 -13.53
C ASN A 9 8.47 -16.03 -12.24
N PRO A 10 8.21 -14.79 -11.76
CA PRO A 10 7.45 -14.74 -10.51
C PRO A 10 5.96 -14.85 -10.78
N ASP A 11 5.26 -15.62 -9.95
CA ASP A 11 3.80 -15.73 -10.08
C ASP A 11 3.01 -14.69 -9.30
N VAL A 12 2.37 -13.79 -10.02
CA VAL A 12 1.54 -12.77 -9.40
C VAL A 12 0.28 -13.43 -8.83
N LEU A 13 -0.28 -14.38 -9.55
CA LEU A 13 -1.54 -14.95 -9.14
C LEU A 13 -1.43 -15.64 -7.77
N LEU A 14 -0.42 -16.48 -7.63
CA LEU A 14 -0.20 -17.24 -6.41
C LEU A 14 0.14 -16.31 -5.25
N SER A 15 0.88 -15.25 -5.56
CA SER A 15 1.16 -14.23 -4.57
C SER A 15 -0.13 -13.57 -4.10
N ARG A 16 -1.02 -13.28 -5.04
CA ARG A 16 -2.28 -12.63 -4.71
C ARG A 16 -3.16 -13.53 -3.86
N VAL A 17 -3.19 -14.80 -4.21
CA VAL A 17 -3.96 -15.80 -3.49
C VAL A 17 -3.53 -15.87 -2.04
N ILE A 18 -2.22 -15.86 -1.84
CA ILE A 18 -1.69 -15.91 -0.50
C ILE A 18 -2.06 -14.66 0.30
N ASN A 19 -2.03 -13.49 -0.32
CA ASN A 19 -2.40 -12.26 0.40
C ASN A 19 -3.81 -12.35 0.95
N VAL A 20 -4.69 -12.93 0.16
CA VAL A 20 -6.08 -13.09 0.54
C VAL A 20 -6.22 -13.99 1.75
N VAL A 21 -5.48 -15.10 1.75
CA VAL A 21 -5.52 -16.04 2.85
C VAL A 21 -5.04 -15.37 4.13
N ARG A 22 -3.98 -14.58 4.01
CA ARG A 22 -3.42 -13.90 5.17
C ARG A 22 -4.46 -12.91 5.70
N ALA A 23 -5.05 -12.19 4.76
CA ALA A 23 -6.04 -11.18 5.06
C ALA A 23 -7.32 -11.73 5.71
N ALA A 24 -7.73 -12.88 5.20
CA ALA A 24 -8.89 -13.57 5.74
C ALA A 24 -8.54 -14.07 7.13
N SER A 25 -7.37 -14.70 7.22
CA SER A 25 -6.94 -15.29 8.46
C SER A 25 -6.79 -14.25 9.54
N SER A 26 -6.09 -13.17 9.19
CA SER A 26 -5.84 -12.09 10.10
C SER A 26 -7.20 -11.53 10.54
N LEU A 27 -8.10 -11.38 9.58
CA LEU A 27 -9.48 -10.96 9.88
C LEU A 27 -10.18 -11.92 10.83
N ALA A 28 -9.99 -13.22 10.61
CA ALA A 28 -10.67 -14.24 11.40
C ALA A 28 -10.22 -14.22 12.87
N SER A 29 -8.93 -13.95 13.09
CA SER A 29 -8.35 -13.87 14.43
C SER A 29 -9.13 -12.89 15.34
N GLN A 30 -9.66 -11.81 14.78
CA GLN A 30 -10.48 -10.89 15.58
C GLN A 30 -11.78 -11.56 15.98
N ASP A 31 -12.52 -10.94 16.87
CA ASP A 31 -13.79 -11.49 17.30
C ASP A 31 -14.86 -11.04 16.34
N VAL A 32 -14.72 -11.47 15.09
CA VAL A 32 -15.59 -11.05 14.01
C VAL A 32 -17.05 -11.38 14.29
N ASP A 33 -17.28 -12.56 14.85
CA ASP A 33 -18.64 -12.94 15.20
C ASP A 33 -19.23 -11.92 16.17
N PHE A 34 -18.40 -11.41 17.08
CA PHE A 34 -18.88 -10.44 18.07
C PHE A 34 -19.33 -9.15 17.39
N TYR A 35 -18.49 -8.64 16.48
CA TYR A 35 -18.82 -7.42 15.74
C TYR A 35 -19.88 -7.63 14.68
N LYS A 36 -19.88 -8.81 14.07
CA LYS A 36 -20.88 -9.08 13.04
C LYS A 36 -22.28 -9.06 13.68
N ASN A 37 -22.38 -9.59 14.89
CA ASN A 37 -23.65 -9.67 15.60
C ASN A 37 -24.03 -8.35 16.24
N LEU A 38 -23.01 -7.57 16.58
CA LEU A 38 -23.18 -6.27 17.22
C LEU A 38 -23.65 -5.23 16.22
N ASP A 39 -23.05 -5.23 15.03
CA ASP A 39 -23.32 -4.17 14.06
C ASP A 39 -23.84 -4.65 12.71
N ARG A 40 -25.05 -4.22 12.36
CA ARG A 40 -25.70 -4.60 11.10
C ARG A 40 -24.90 -4.10 9.92
N GLY A 41 -24.39 -2.87 10.03
CA GLY A 41 -23.56 -2.32 8.96
C GLY A 41 -22.33 -3.15 8.68
N PHE A 42 -21.62 -3.55 9.73
CA PHE A 42 -20.44 -4.40 9.63
C PHE A 42 -20.75 -5.76 9.01
N SER A 43 -21.84 -6.38 9.44
CA SER A 43 -22.23 -7.68 8.95
C SER A 43 -22.37 -7.64 7.44
N LYS A 44 -23.02 -6.59 6.95
CA LYS A 44 -23.30 -6.42 5.53
C LYS A 44 -22.09 -6.36 4.60
N ASP A 45 -21.19 -5.39 4.81
CA ASP A 45 -19.99 -5.23 4.00
C ASP A 45 -19.19 -6.52 3.99
N LEU A 46 -19.10 -7.08 5.18
CA LEU A 46 -18.39 -8.31 5.43
C LEU A 46 -18.90 -9.43 4.50
N LYS A 47 -20.22 -9.58 4.42
CA LYS A 47 -20.83 -10.56 3.52
C LYS A 47 -20.54 -10.25 2.06
N SER A 48 -20.51 -8.95 1.73
CA SER A 48 -20.18 -8.51 0.38
C SER A 48 -18.76 -8.88 -0.02
N LYS A 49 -17.82 -8.66 0.90
CA LYS A 49 -16.45 -9.01 0.64
C LYS A 49 -16.30 -10.52 0.53
N ALA A 50 -16.98 -11.25 1.41
CA ALA A 50 -16.95 -12.70 1.36
C ALA A 50 -17.56 -13.16 0.04
N ASP A 51 -18.65 -12.53 -0.36
CA ASP A 51 -19.29 -12.87 -1.63
C ASP A 51 -18.31 -12.57 -2.75
N LYS A 52 -17.59 -11.46 -2.63
CA LYS A 52 -16.61 -11.09 -3.63
C LYS A 52 -15.59 -12.19 -3.74
N LEU A 53 -15.19 -12.70 -2.60
CA LEU A 53 -14.30 -13.84 -2.54
C LEU A 53 -15.01 -15.06 -3.11
N ALA A 54 -16.29 -15.22 -2.77
CA ALA A 54 -17.08 -16.33 -3.29
C ALA A 54 -17.25 -16.25 -4.80
N ASP A 55 -17.46 -15.03 -5.33
CA ASP A 55 -17.65 -14.89 -6.76
C ASP A 55 -16.44 -15.44 -7.51
N MET A 56 -15.24 -15.08 -7.07
CA MET A 56 -14.02 -15.48 -7.77
C MET A 56 -13.84 -16.99 -7.73
N ALA A 57 -14.15 -17.61 -6.59
CA ALA A 57 -14.03 -19.06 -6.48
C ALA A 57 -15.00 -19.82 -7.41
N ASN A 58 -16.23 -19.36 -7.53
CA ASN A 58 -17.17 -20.01 -8.45
C ASN A 58 -16.76 -19.82 -9.91
N GLU A 59 -16.21 -18.65 -10.23
CA GLU A 59 -15.66 -18.42 -11.56
C GLU A 59 -14.57 -19.43 -11.87
N ILE A 60 -13.77 -19.79 -10.87
CA ILE A 60 -12.77 -20.82 -11.12
C ILE A 60 -13.49 -22.12 -11.45
N ILE A 61 -14.55 -22.42 -10.70
CA ILE A 61 -15.32 -23.64 -10.93
C ILE A 61 -16.03 -23.66 -12.28
N LEU A 62 -16.50 -22.50 -12.72
CA LEU A 62 -17.13 -22.34 -14.01
C LEU A 62 -16.13 -22.65 -15.13
N SER A 63 -14.87 -22.30 -14.87
CA SER A 63 -13.76 -22.55 -15.79
C SER A 63 -13.50 -24.03 -16.02
N ILE A 64 -13.69 -24.84 -14.98
CA ILE A 64 -13.48 -26.29 -15.10
C ILE A 64 -14.64 -27.04 -15.74
N ASP A 65 -15.85 -26.72 -15.26
CA ASP A 65 -17.13 -27.30 -15.72
C ASP A 65 -17.21 -28.81 -16.02
N GLU A 66 -16.51 -29.62 -15.23
CA GLU A 66 -16.56 -31.08 -15.36
C GLU A 66 -17.85 -31.64 -14.75
N ASP A 77 -28.81 -28.68 2.41
CA ASP A 77 -28.12 -28.21 1.21
C ASP A 77 -26.64 -27.89 1.42
N ILE A 78 -26.24 -27.47 2.62
CA ILE A 78 -24.81 -27.28 2.92
C ILE A 78 -24.01 -28.58 2.79
N SER A 79 -24.56 -29.63 3.38
CA SER A 79 -24.04 -30.99 3.23
C SER A 79 -23.98 -31.28 1.75
N ASP A 80 -25.16 -31.25 1.12
CA ASP A 80 -25.28 -31.37 -0.33
C ASP A 80 -24.25 -30.47 -1.04
N LEU A 81 -23.91 -29.30 -0.48
CA LEU A 81 -22.93 -28.38 -1.10
C LEU A 81 -21.47 -28.81 -0.99
N TRP A 82 -21.00 -29.00 0.24
CA TRP A 82 -19.60 -29.34 0.49
C TRP A 82 -19.24 -30.63 -0.24
N ASN A 83 -20.21 -31.54 -0.28
CA ASN A 83 -20.06 -32.80 -0.96
C ASN A 83 -19.70 -32.49 -2.39
N ASN A 84 -20.43 -31.55 -2.97
CA ASN A 84 -20.19 -31.08 -4.32
C ASN A 84 -18.76 -30.51 -4.45
N PHE A 85 -18.25 -29.79 -3.46
CA PHE A 85 -16.86 -29.29 -3.54
C PHE A 85 -15.82 -30.41 -3.52
N GLY A 86 -16.06 -31.40 -2.67
CA GLY A 86 -15.15 -32.52 -2.55
C GLY A 86 -15.04 -33.18 -3.90
N ASN A 87 -16.17 -33.20 -4.62
CA ASN A 87 -16.26 -33.78 -5.95
C ASN A 87 -15.37 -33.07 -6.98
N ILE A 88 -15.34 -31.74 -6.95
CA ILE A 88 -14.51 -31.02 -7.91
C ILE A 88 -13.02 -31.20 -7.66
N MET A 89 -12.61 -31.18 -6.38
CA MET A 89 -11.21 -31.36 -6.01
C MET A 89 -10.78 -32.74 -6.47
N ASP A 90 -11.68 -33.70 -6.31
CA ASP A 90 -11.42 -35.04 -6.77
C ASP A 90 -11.23 -35.03 -8.30
N ASN A 91 -12.05 -34.26 -9.02
CA ASN A 91 -11.92 -34.18 -10.48
C ASN A 91 -10.56 -33.65 -10.92
N LEU A 92 -10.13 -32.56 -10.28
CA LEU A 92 -8.84 -31.94 -10.57
C LEU A 92 -7.65 -32.84 -10.28
N LEU A 93 -7.66 -33.47 -9.10
CA LEU A 93 -6.56 -34.29 -8.66
C LEU A 93 -6.34 -35.57 -9.51
N GLU A 94 -7.41 -36.16 -10.04
CA GLU A 94 -7.33 -37.30 -10.97
C GLU A 94 -6.66 -36.97 -12.32
N MET A 95 -6.95 -35.79 -12.84
CA MET A 95 -6.34 -35.31 -14.08
C MET A 95 -4.85 -35.19 -13.89
N SER A 96 -4.51 -34.76 -12.68
CA SER A 96 -3.13 -34.61 -12.22
C SER A 96 -2.45 -35.95 -12.03
N ASP A 97 -3.15 -36.88 -11.40
CA ASP A 97 -2.57 -38.20 -11.19
C ASP A 97 -2.34 -38.83 -12.53
N HIS A 98 -3.29 -38.62 -13.44
CA HIS A 98 -3.16 -39.18 -14.76
C HIS A 98 -2.00 -38.57 -15.52
N SER A 99 -1.80 -37.27 -15.33
CA SER A 99 -0.67 -36.62 -15.96
C SER A 99 0.64 -37.21 -15.46
N LEU A 100 0.71 -37.42 -14.15
CA LEU A 100 1.88 -37.99 -13.50
C LEU A 100 2.12 -39.42 -13.93
N ASP A 101 1.05 -40.19 -14.00
CA ASP A 101 1.18 -41.58 -14.37
C ASP A 101 1.79 -41.65 -15.77
N LYS A 102 1.31 -40.82 -16.69
CA LYS A 102 1.83 -40.81 -18.07
C LYS A 102 3.29 -40.39 -18.24
N LEU A 103 3.76 -39.45 -17.42
CA LEU A 103 5.16 -39.07 -17.47
C LEU A 103 6.01 -40.23 -16.99
N ASN A 104 5.59 -40.83 -15.88
CA ASN A 104 6.28 -41.97 -15.30
C ASN A 104 6.31 -43.15 -16.25
N CYS A 105 5.22 -43.35 -16.96
CA CYS A 105 5.17 -44.42 -17.92
C CYS A 105 6.09 -44.21 -19.11
N ALA A 106 6.05 -43.02 -19.70
CA ALA A 106 6.85 -42.70 -20.88
C ALA A 106 8.34 -42.84 -20.56
N ILE A 107 8.70 -42.50 -19.33
CA ILE A 107 10.08 -42.66 -18.91
C ILE A 107 10.35 -44.17 -18.83
N ASN A 108 9.50 -44.87 -18.08
CA ASN A 108 9.63 -46.32 -17.94
C ASN A 108 9.10 -47.12 -19.13
N MET B 1 -14.38 -4.58 25.44
CA MET B 1 -13.97 -3.85 24.24
C MET B 1 -15.02 -2.86 23.79
N GLU B 2 -15.88 -3.38 22.91
CA GLU B 2 -16.95 -2.66 22.25
C GLU B 2 -16.41 -1.82 21.08
N ASP B 3 -15.09 -1.76 20.95
CA ASP B 3 -14.42 -0.95 19.94
C ASP B 3 -14.14 -1.69 18.65
N ILE B 4 -14.93 -1.34 17.65
CA ILE B 4 -14.89 -1.97 16.35
C ILE B 4 -13.84 -1.38 15.40
N GLU B 5 -13.42 -0.16 15.66
CA GLU B 5 -12.47 0.51 14.77
C GLU B 5 -11.21 -0.30 14.54
N LYS B 6 -10.76 -1.02 15.57
CA LYS B 6 -9.58 -1.88 15.39
C LYS B 6 -9.87 -3.02 14.40
N ILE B 7 -11.08 -3.59 14.47
CA ILE B 7 -11.45 -4.70 13.58
C ILE B 7 -11.56 -4.28 12.09
N LYS B 8 -11.98 -3.05 11.81
CA LYS B 8 -12.23 -2.61 10.43
C LYS B 8 -11.05 -2.67 9.44
N PRO B 9 -9.86 -2.19 9.84
CA PRO B 9 -8.72 -2.25 8.92
C PRO B 9 -8.36 -3.69 8.51
N TYR B 10 -8.54 -4.64 9.41
CA TYR B 10 -8.29 -6.05 9.10
C TYR B 10 -9.09 -6.41 7.86
N VAL B 11 -10.35 -5.98 7.86
CA VAL B 11 -11.23 -6.19 6.72
C VAL B 11 -10.73 -5.46 5.47
N ARG B 12 -10.30 -4.22 5.65
CA ARG B 12 -9.89 -3.42 4.51
C ARG B 12 -8.75 -4.08 3.80
N SER B 13 -7.80 -4.59 4.59
CA SER B 13 -6.64 -5.25 4.03
C SER B 13 -7.12 -6.45 3.22
N PHE B 14 -8.14 -7.11 3.76
CA PHE B 14 -8.75 -8.27 3.14
C PHE B 14 -9.42 -7.94 1.81
N SER B 15 -10.19 -6.86 1.84
CA SER B 15 -10.89 -6.38 0.65
C SER B 15 -9.89 -5.92 -0.40
N LYS B 16 -8.83 -5.28 0.06
CA LYS B 16 -7.77 -4.81 -0.83
C LYS B 16 -7.15 -5.97 -1.54
N ALA B 17 -6.92 -7.04 -0.79
CA ALA B 17 -6.35 -8.27 -1.31
C ALA B 17 -7.28 -8.96 -2.32
N LEU B 18 -8.58 -8.90 -2.05
CA LEU B 18 -9.58 -9.46 -2.96
C LEU B 18 -9.65 -8.76 -4.30
N ASP B 19 -9.58 -7.43 -4.26
CA ASP B 19 -9.62 -6.63 -5.49
C ASP B 19 -8.40 -6.97 -6.30
N GLU B 20 -7.28 -7.09 -5.61
CA GLU B 20 -6.01 -7.41 -6.21
C GLU B 20 -6.08 -8.80 -6.80
N LEU B 21 -6.85 -9.67 -6.16
CA LEU B 21 -7.02 -11.03 -6.65
C LEU B 21 -7.86 -11.13 -7.93
N LYS B 22 -8.89 -10.30 -8.07
CA LYS B 22 -9.79 -10.44 -9.23
C LYS B 22 -9.14 -10.49 -10.64
N PRO B 23 -8.24 -9.54 -10.98
CA PRO B 23 -7.69 -9.50 -12.34
C PRO B 23 -6.94 -10.77 -12.67
N GLU B 24 -6.27 -11.29 -11.65
CA GLU B 24 -5.53 -12.51 -11.79
C GLU B 24 -6.46 -13.68 -12.07
N ILE B 25 -7.60 -13.72 -11.38
CA ILE B 25 -8.61 -14.76 -11.61
C ILE B 25 -9.20 -14.65 -13.02
N GLU B 26 -9.40 -13.42 -13.49
CA GLU B 26 -9.95 -13.23 -14.82
C GLU B 26 -8.96 -13.70 -15.85
N LYS B 27 -7.67 -13.50 -15.58
CA LYS B 27 -6.67 -14.00 -16.50
C LYS B 27 -6.68 -15.51 -16.55
N LEU B 28 -6.83 -16.14 -15.40
CA LEU B 28 -6.81 -17.59 -15.29
C LEU B 28 -8.00 -18.22 -15.99
N THR B 29 -9.14 -17.56 -15.83
CA THR B 29 -10.41 -18.04 -16.35
C THR B 29 -10.79 -17.42 -17.69
N SER B 30 -9.86 -16.70 -18.30
CA SER B 30 -10.04 -16.11 -19.63
C SER B 30 -10.40 -17.17 -20.68
N LYS B 31 -10.07 -18.42 -20.37
CA LYS B 31 -10.43 -19.52 -21.22
C LYS B 31 -10.75 -20.67 -20.32
N SER B 32 -11.56 -21.58 -20.78
CA SER B 32 -11.85 -22.75 -19.97
C SER B 32 -10.53 -23.52 -19.80
N LEU B 33 -10.38 -24.20 -18.68
CA LEU B 33 -9.19 -25.00 -18.40
C LEU B 33 -8.86 -25.97 -19.50
N ASP B 34 -9.87 -26.67 -19.99
CA ASP B 34 -9.68 -27.63 -21.09
C ASP B 34 -9.11 -26.96 -22.33
N GLU B 35 -9.66 -25.80 -22.68
CA GLU B 35 -9.15 -25.05 -23.82
C GLU B 35 -7.68 -24.65 -23.56
N GLN B 36 -7.34 -24.28 -22.32
CA GLN B 36 -5.95 -23.93 -21.95
C GLN B 36 -4.99 -25.10 -22.14
N LEU B 37 -5.44 -26.27 -21.74
CA LEU B 37 -4.61 -27.46 -21.83
C LEU B 37 -4.27 -27.78 -23.27
N LEU B 38 -5.24 -27.59 -24.14
CA LEU B 38 -5.06 -27.86 -25.56
C LEU B 38 -3.94 -27.03 -26.11
N LEU B 39 -3.86 -25.80 -25.59
CA LEU B 39 -2.87 -24.83 -26.02
C LEU B 39 -1.48 -25.17 -25.52
N LEU B 40 -1.34 -26.37 -24.94
CA LEU B 40 -0.08 -26.91 -24.43
C LEU B 40 0.30 -28.23 -25.11
N SER B 41 1.60 -28.46 -25.32
CA SER B 41 2.09 -29.73 -25.86
C SER B 41 2.92 -30.47 -24.81
N ASP B 42 3.69 -29.69 -24.06
CA ASP B 42 4.49 -30.22 -22.96
C ASP B 42 3.65 -30.77 -21.83
N GLU B 43 3.73 -32.09 -21.63
CA GLU B 43 3.02 -32.75 -20.55
C GLU B 43 3.32 -32.09 -19.19
N ARG B 44 4.58 -31.69 -19.01
CA ARG B 44 4.99 -31.02 -17.78
C ARG B 44 4.24 -29.71 -17.55
N ALA B 45 4.11 -28.93 -18.61
CA ALA B 45 3.39 -27.68 -18.54
C ALA B 45 1.94 -27.94 -18.16
N LYS B 46 1.38 -29.03 -18.65
CA LYS B 46 -0.01 -29.36 -18.32
C LYS B 46 -0.20 -29.67 -16.83
N LEU B 47 0.71 -30.47 -16.30
CA LEU B 47 0.62 -30.89 -14.92
C LEU B 47 0.70 -29.67 -14.02
N GLU B 48 1.51 -28.71 -14.45
CA GLU B 48 1.69 -27.47 -13.72
C GLU B 48 0.43 -26.62 -13.62
N LEU B 49 -0.24 -26.46 -14.75
CA LEU B 49 -1.43 -25.63 -14.79
C LEU B 49 -2.51 -26.21 -13.90
N ILE B 50 -2.68 -27.52 -13.98
CA ILE B 50 -3.67 -28.22 -13.18
C ILE B 50 -3.41 -28.08 -11.69
N ASN B 51 -2.17 -28.30 -11.27
CA ASN B 51 -1.85 -28.23 -9.85
C ASN B 51 -2.12 -26.83 -9.34
N ARG B 52 -1.83 -25.85 -10.20
CA ARG B 52 -2.07 -24.45 -9.88
C ARG B 52 -3.56 -24.20 -9.64
N TYR B 53 -4.39 -24.69 -10.55
CA TYR B 53 -5.84 -24.56 -10.45
C TYR B 53 -6.33 -25.19 -9.14
N ALA B 54 -5.84 -26.37 -8.81
CA ALA B 54 -6.23 -27.03 -7.56
C ALA B 54 -5.80 -26.19 -6.36
N TYR B 55 -4.63 -25.57 -6.45
CA TYR B 55 -4.08 -24.73 -5.38
C TYR B 55 -4.93 -23.47 -5.09
N VAL B 56 -5.30 -22.76 -6.14
CA VAL B 56 -6.08 -21.53 -5.99
C VAL B 56 -7.46 -21.79 -5.38
N LEU B 57 -8.15 -22.79 -5.90
CA LEU B 57 -9.50 -23.10 -5.44
C LEU B 57 -9.44 -23.55 -4.00
N SER B 58 -8.46 -24.37 -3.66
CA SER B 58 -8.40 -24.86 -2.30
C SER B 58 -8.13 -23.68 -1.37
N SER B 59 -7.20 -22.83 -1.78
CA SER B 59 -6.84 -21.69 -0.95
C SER B 59 -8.02 -20.73 -0.76
N LEU B 60 -8.74 -20.43 -1.85
CA LEU B 60 -9.90 -19.56 -1.83
C LEU B 60 -11.04 -20.18 -0.98
N MET B 61 -11.17 -21.48 -1.04
CA MET B 61 -12.14 -22.15 -0.20
C MET B 61 -11.68 -22.00 1.24
N PHE B 62 -10.37 -22.13 1.47
CA PHE B 62 -9.83 -22.03 2.82
C PHE B 62 -10.14 -20.64 3.37
N ALA B 63 -9.84 -19.61 2.59
CA ALA B 63 -10.04 -18.22 3.02
C ALA B 63 -11.50 -18.00 3.31
N ASN B 64 -12.35 -18.61 2.49
CA ASN B 64 -13.79 -18.47 2.64
C ASN B 64 -14.24 -19.01 3.98
N MET B 65 -13.76 -20.19 4.29
CA MET B 65 -14.11 -20.87 5.52
C MET B 65 -13.62 -20.11 6.75
N LYS B 66 -12.45 -19.49 6.64
CA LYS B 66 -11.91 -18.70 7.76
C LYS B 66 -12.81 -17.49 8.09
N VAL B 67 -13.19 -16.76 7.05
CA VAL B 67 -14.06 -15.58 7.17
C VAL B 67 -15.49 -15.96 7.61
N LEU B 68 -15.97 -17.12 7.18
CA LEU B 68 -17.29 -17.60 7.60
C LEU B 68 -17.40 -17.75 9.13
N GLY B 69 -16.27 -17.95 9.79
CA GLY B 69 -16.21 -18.16 11.22
C GLY B 69 -16.29 -19.64 11.51
N VAL B 70 -15.82 -20.41 10.54
CA VAL B 70 -15.73 -21.84 10.71
C VAL B 70 -14.61 -22.16 11.69
N LYS B 71 -14.95 -22.90 12.74
CA LYS B 71 -13.94 -23.27 13.73
C LYS B 71 -12.95 -24.29 13.14
N ASP B 72 -13.49 -25.30 12.45
CA ASP B 72 -12.71 -26.44 11.98
C ASP B 72 -12.30 -26.35 10.50
N MET B 73 -11.00 -26.21 10.30
CA MET B 73 -10.43 -26.06 8.97
C MET B 73 -9.94 -27.41 8.42
N SER B 74 -10.16 -28.48 9.19
CA SER B 74 -9.67 -29.84 8.84
C SER B 74 -10.14 -30.44 7.50
N PRO B 75 -11.43 -30.25 7.12
CA PRO B 75 -11.78 -30.78 5.80
C PRO B 75 -11.02 -30.08 4.68
N ILE B 76 -10.93 -28.75 4.72
CA ILE B 76 -10.13 -28.03 3.73
C ILE B 76 -8.63 -28.32 4.00
N LEU B 77 -8.21 -28.38 5.26
CA LEU B 77 -6.79 -28.66 5.53
C LEU B 77 -6.41 -30.03 5.01
N GLY B 78 -7.33 -30.98 5.10
CA GLY B 78 -7.06 -32.29 4.56
C GLY B 78 -6.90 -32.24 3.04
N GLU B 79 -7.81 -31.56 2.36
CA GLU B 79 -7.73 -31.46 0.90
C GLU B 79 -6.47 -30.69 0.49
N LEU B 80 -6.12 -29.66 1.26
CA LEU B 80 -4.93 -28.87 0.99
C LEU B 80 -3.67 -29.74 1.07
N LYS B 81 -3.67 -30.67 2.02
CA LYS B 81 -2.55 -31.60 2.19
C LYS B 81 -2.40 -32.50 0.97
N ARG B 82 -3.54 -32.98 0.47
CA ARG B 82 -3.61 -33.86 -0.69
C ARG B 82 -3.05 -33.19 -1.92
N VAL B 83 -3.37 -31.91 -2.05
CA VAL B 83 -2.85 -31.11 -3.13
C VAL B 83 -1.33 -30.97 -2.99
N LYS B 84 -0.84 -30.74 -1.78
CA LYS B 84 0.59 -30.64 -1.57
C LYS B 84 1.24 -31.93 -1.98
N SER B 85 0.57 -33.04 -1.66
CA SER B 85 1.05 -34.36 -1.99
C SER B 85 1.32 -34.49 -3.49
N TYR B 86 0.36 -34.06 -4.30
CA TYR B 86 0.49 -34.10 -5.76
C TYR B 86 1.48 -33.09 -6.29
N MET B 87 1.58 -31.94 -5.64
CA MET B 87 2.61 -30.96 -6.00
C MET B 87 3.98 -31.51 -5.65
N ASP B 88 4.05 -32.26 -4.56
CA ASP B 88 5.30 -32.90 -4.17
C ASP B 88 5.72 -33.92 -5.22
N LYS B 89 4.79 -34.74 -5.71
CA LYS B 89 5.09 -35.74 -6.74
C LYS B 89 5.61 -35.08 -8.03
N ALA B 90 5.09 -33.91 -8.35
CA ALA B 90 5.56 -33.18 -9.51
C ALA B 90 7.04 -32.83 -9.40
N LYS B 91 7.44 -32.32 -8.23
CA LYS B 91 8.83 -31.94 -8.02
C LYS B 91 9.82 -33.10 -8.01
N GLN B 92 9.47 -34.18 -7.30
CA GLN B 92 10.32 -35.35 -7.22
C GLN B 92 10.48 -35.93 -8.63
N TYR B 93 9.44 -35.78 -9.44
CA TYR B 93 9.52 -36.21 -10.83
C TYR B 93 10.58 -35.44 -11.58
N ASP B 94 10.62 -34.14 -11.33
CA ASP B 94 11.57 -33.25 -11.97
C ASP B 94 12.99 -33.66 -11.63
N ASN B 95 13.19 -33.98 -10.36
CA ASN B 95 14.50 -34.40 -9.87
C ASN B 95 14.96 -35.64 -10.63
N ARG B 96 14.02 -36.56 -10.85
CA ARG B 96 14.29 -37.78 -11.60
C ARG B 96 14.72 -37.47 -13.03
N ILE B 97 14.06 -36.48 -13.62
CA ILE B 97 14.43 -36.01 -14.95
C ILE B 97 15.81 -35.36 -14.98
N THR B 98 16.09 -34.54 -13.97
CA THR B 98 17.37 -33.88 -13.85
C THR B 98 18.52 -34.88 -13.86
N LYS B 99 18.38 -35.91 -13.02
CA LYS B 99 19.37 -36.97 -12.92
C LYS B 99 19.51 -37.69 -14.26
N SER B 100 18.38 -37.90 -14.93
CA SER B 100 18.34 -38.46 -16.28
C SER B 100 19.18 -37.62 -17.23
N THR C 4 11.14 -22.09 -0.11
CA THR C 4 9.88 -21.45 0.25
C THR C 4 8.70 -22.39 -0.03
N ASP C 5 7.74 -22.38 0.90
CA ASP C 5 6.59 -23.27 0.83
C ASP C 5 5.29 -22.46 0.84
N LEU C 6 4.43 -22.67 -0.15
CA LEU C 6 3.20 -21.90 -0.27
C LEU C 6 2.27 -22.16 0.90
N PHE C 7 2.32 -23.39 1.42
CA PHE C 7 1.31 -23.87 2.36
C PHE C 7 1.51 -23.34 3.78
N ASP C 8 2.65 -22.68 4.02
CA ASP C 8 2.95 -22.13 5.33
C ASP C 8 1.87 -21.14 5.78
N VAL C 9 1.27 -20.45 4.80
CA VAL C 9 0.29 -19.39 5.04
C VAL C 9 -0.94 -19.93 5.78
N PHE C 10 -1.13 -21.24 5.72
CA PHE C 10 -2.29 -21.82 6.34
C PHE C 10 -2.04 -21.97 7.82
N GLU C 11 -0.79 -22.24 8.17
CA GLU C 11 -0.42 -22.48 9.57
C GLU C 11 -0.19 -21.20 10.36
N GLU C 12 0.53 -20.25 9.76
CA GLU C 12 0.98 -19.05 10.46
C GLU C 12 -0.13 -18.32 11.22
N THR C 13 0.27 -17.70 12.32
CA THR C 13 -0.66 -17.00 13.18
C THR C 13 -0.87 -15.57 12.67
N PRO C 14 -2.13 -15.08 12.72
CA PRO C 14 -2.55 -13.73 12.32
C PRO C 14 -1.93 -12.63 13.17
N VAL C 15 -1.87 -11.40 12.68
CA VAL C 15 -1.34 -10.31 13.50
C VAL C 15 -2.46 -9.63 14.28
N GLU C 16 -3.16 -10.42 15.12
CA GLU C 16 -4.24 -9.88 15.95
C GLU C 16 -3.71 -8.89 16.99
N LEU C 17 -4.51 -7.86 17.30
CA LEU C 17 -4.18 -6.89 18.34
C LEU C 17 -4.48 -7.44 19.73
N ASP D 11 7.27 -7.52 -7.79
CA ASP D 11 7.39 -6.39 -8.71
C ASP D 11 7.67 -6.84 -10.14
N VAL D 12 6.59 -6.97 -10.89
CA VAL D 12 6.64 -7.48 -12.25
C VAL D 12 7.36 -6.57 -13.24
N LEU D 13 7.16 -5.26 -13.15
CA LEU D 13 7.79 -4.36 -14.12
C LEU D 13 9.30 -4.47 -14.02
N LEU D 14 9.82 -4.41 -12.81
CA LEU D 14 11.25 -4.46 -12.63
C LEU D 14 11.77 -5.81 -13.12
N SER D 15 11.02 -6.88 -12.88
CA SER D 15 11.41 -8.21 -13.36
C SER D 15 11.46 -8.25 -14.88
N ARG D 16 10.44 -7.71 -15.52
CA ARG D 16 10.34 -7.73 -16.97
C ARG D 16 11.45 -6.92 -17.61
N VAL D 17 11.74 -5.76 -17.03
CA VAL D 17 12.84 -4.91 -17.49
C VAL D 17 14.19 -5.60 -17.34
N ILE D 18 14.38 -6.21 -16.17
CA ILE D 18 15.61 -6.92 -15.89
C ILE D 18 15.72 -8.09 -16.83
N ASN D 19 14.59 -8.74 -17.09
CA ASN D 19 14.62 -9.83 -18.03
C ASN D 19 15.08 -9.33 -19.39
N VAL D 20 14.65 -8.12 -19.74
CA VAL D 20 15.05 -7.47 -20.99
C VAL D 20 16.52 -7.05 -21.04
N VAL D 21 17.02 -6.42 -19.98
CA VAL D 21 18.42 -5.99 -19.96
C VAL D 21 19.36 -7.20 -20.03
N ARG D 22 19.01 -8.27 -19.33
CA ARG D 22 19.82 -9.50 -19.36
C ARG D 22 19.86 -10.17 -20.72
N ALA D 23 18.71 -10.28 -21.36
CA ALA D 23 18.65 -10.87 -22.68
C ALA D 23 19.43 -10.04 -23.70
N ALA D 24 19.41 -8.71 -23.54
CA ALA D 24 20.14 -7.82 -24.45
C ALA D 24 21.65 -8.00 -24.34
N SER D 25 22.16 -7.95 -23.11
CA SER D 25 23.58 -8.12 -22.87
C SER D 25 24.00 -9.51 -23.32
N SER D 26 23.12 -10.46 -23.04
CA SER D 26 23.31 -11.86 -23.43
C SER D 26 23.46 -12.01 -24.96
N LEU D 27 22.55 -11.41 -25.72
CA LEU D 27 22.63 -11.41 -27.19
C LEU D 27 23.92 -10.74 -27.63
N ALA D 28 24.23 -9.63 -26.96
CA ALA D 28 25.35 -8.77 -27.32
C ALA D 28 26.68 -9.50 -27.19
N SER D 29 26.81 -10.33 -26.16
CA SER D 29 28.02 -11.13 -25.94
C SER D 29 28.40 -11.94 -27.17
N GLN D 30 27.40 -12.35 -27.92
CA GLN D 30 27.61 -13.10 -29.16
C GLN D 30 28.16 -12.21 -30.30
N ASP D 31 28.52 -12.84 -31.42
CA ASP D 31 28.99 -12.08 -32.57
C ASP D 31 27.84 -11.70 -33.51
N VAL D 32 26.95 -10.86 -32.97
CA VAL D 32 25.76 -10.38 -33.67
C VAL D 32 26.10 -9.53 -34.91
N ASP D 33 27.18 -8.75 -34.82
CA ASP D 33 27.68 -7.91 -35.94
C ASP D 33 28.04 -8.75 -37.17
N PHE D 34 28.61 -9.93 -36.95
CA PHE D 34 29.04 -10.79 -38.06
C PHE D 34 27.83 -11.34 -38.79
N TYR D 35 26.83 -11.77 -38.01
CA TYR D 35 25.60 -12.32 -38.56
C TYR D 35 24.72 -11.27 -39.19
N LYS D 36 24.73 -10.06 -38.63
CA LYS D 36 23.94 -8.97 -39.19
C LYS D 36 24.46 -8.69 -40.61
N ASN D 37 25.78 -8.85 -40.79
CA ASN D 37 26.46 -8.63 -42.07
C ASN D 37 26.31 -9.83 -42.98
N LEU D 38 26.19 -11.00 -42.36
CA LEU D 38 26.12 -12.27 -43.09
C LEU D 38 24.77 -12.55 -43.75
N ASP D 39 23.68 -12.32 -43.02
CA ASP D 39 22.35 -12.66 -43.51
C ASP D 39 21.46 -11.42 -43.44
N ARG D 40 20.88 -11.03 -44.58
CA ARG D 40 20.02 -9.86 -44.61
C ARG D 40 18.80 -10.10 -43.76
N GLY D 41 18.26 -11.33 -43.83
CA GLY D 41 17.10 -11.70 -43.04
C GLY D 41 17.34 -11.54 -41.54
N PHE D 42 18.49 -12.02 -41.09
CA PHE D 42 18.90 -11.85 -39.71
C PHE D 42 19.02 -10.36 -39.38
N SER D 43 19.61 -9.61 -40.30
CA SER D 43 19.81 -8.18 -40.12
C SER D 43 18.50 -7.42 -39.85
N LYS D 44 17.50 -7.61 -40.71
CA LYS D 44 16.18 -6.98 -40.60
C LYS D 44 15.54 -7.38 -39.29
N ASP D 45 15.56 -8.69 -39.03
CA ASP D 45 15.01 -9.21 -37.78
C ASP D 45 15.57 -8.49 -36.57
N LEU D 46 16.89 -8.38 -36.52
CA LEU D 46 17.53 -7.73 -35.40
C LEU D 46 17.05 -6.27 -35.29
N LYS D 47 17.03 -5.54 -36.41
CA LYS D 47 16.60 -4.14 -36.40
C LYS D 47 15.20 -3.98 -35.84
N SER D 48 14.32 -4.92 -36.21
CA SER D 48 12.94 -4.90 -35.77
C SER D 48 12.87 -5.05 -34.25
N LYS D 49 13.71 -5.93 -33.68
CA LYS D 49 13.75 -6.11 -32.24
C LYS D 49 14.24 -4.85 -31.56
N ALA D 50 15.26 -4.22 -32.14
CA ALA D 50 15.81 -2.97 -31.60
C ALA D 50 14.75 -1.90 -31.62
N ASP D 51 13.95 -1.88 -32.68
CA ASP D 51 12.85 -0.93 -32.75
C ASP D 51 11.79 -1.14 -31.70
N LYS D 52 11.40 -2.37 -31.44
CA LYS D 52 10.36 -2.61 -30.44
C LYS D 52 10.80 -2.10 -29.08
N LEU D 53 12.07 -2.34 -28.77
CA LEU D 53 12.69 -1.85 -27.54
C LEU D 53 12.74 -0.33 -27.54
N ALA D 54 13.13 0.25 -28.67
CA ALA D 54 13.14 1.69 -28.75
C ALA D 54 11.72 2.24 -28.62
N ASP D 55 10.76 1.57 -29.26
CA ASP D 55 9.39 2.06 -29.23
C ASP D 55 8.96 2.21 -27.76
N MET D 56 9.27 1.21 -26.94
CA MET D 56 8.85 1.24 -25.54
C MET D 56 9.51 2.33 -24.73
N ALA D 57 10.79 2.57 -24.96
CA ALA D 57 11.51 3.63 -24.30
C ALA D 57 10.94 5.00 -24.64
N ASN D 58 10.61 5.17 -25.91
CA ASN D 58 10.00 6.40 -26.38
C ASN D 58 8.62 6.60 -25.72
N GLU D 59 7.89 5.51 -25.54
CA GLU D 59 6.60 5.59 -24.85
C GLU D 59 6.79 6.11 -23.41
N ILE D 60 7.84 5.68 -22.71
CA ILE D 60 8.06 6.19 -21.37
C ILE D 60 8.29 7.69 -21.35
N ILE D 61 9.04 8.14 -22.35
CA ILE D 61 9.35 9.55 -22.51
C ILE D 61 8.08 10.40 -22.76
N LEU D 62 7.13 9.79 -23.46
CA LEU D 62 5.83 10.39 -23.72
C LEU D 62 5.08 10.59 -22.39
N SER D 63 5.32 9.71 -21.43
CA SER D 63 4.74 9.91 -20.12
C SER D 63 5.34 11.15 -19.52
N ILE D 64 6.63 11.34 -19.74
CA ILE D 64 7.37 12.48 -19.21
C ILE D 64 7.36 13.80 -19.99
N ASP D 65 7.41 13.71 -21.31
CA ASP D 65 7.57 14.89 -22.20
C ASP D 65 6.53 16.01 -22.12
N GLU D 66 5.47 15.88 -21.34
CA GLU D 66 4.47 16.95 -21.36
C GLU D 66 5.05 18.20 -20.77
N HIS D 67 5.70 18.06 -19.63
CA HIS D 67 6.36 19.17 -18.96
C HIS D 67 7.40 19.86 -19.84
N HIS D 68 7.21 21.16 -20.07
CA HIS D 68 8.17 21.99 -20.78
C HIS D 68 7.80 23.48 -20.71
N TRP D 82 22.63 10.74 -26.82
CA TRP D 82 23.15 10.67 -25.45
C TRP D 82 22.82 11.96 -24.71
N ASN D 83 22.93 13.07 -25.43
CA ASN D 83 22.64 14.37 -24.86
C ASN D 83 21.15 14.47 -24.44
N ASN D 84 20.22 14.05 -25.31
CA ASN D 84 18.79 14.04 -24.95
C ASN D 84 18.47 13.14 -23.77
N PHE D 85 19.11 11.99 -23.72
CA PHE D 85 18.91 11.08 -22.60
C PHE D 85 19.38 11.70 -21.29
N GLY D 86 20.52 12.38 -21.33
CA GLY D 86 21.07 12.99 -20.14
C GLY D 86 20.09 14.00 -19.59
N ASN D 87 19.43 14.73 -20.48
CA ASN D 87 18.46 15.77 -20.10
C ASN D 87 17.17 15.28 -19.43
N ILE D 88 16.58 14.21 -19.99
CA ILE D 88 15.35 13.64 -19.44
C ILE D 88 15.70 13.05 -18.09
N MET D 89 16.88 12.42 -18.02
CA MET D 89 17.44 11.89 -16.78
C MET D 89 17.69 12.97 -15.75
N ASP D 90 18.29 14.08 -16.21
CA ASP D 90 18.60 15.21 -15.34
C ASP D 90 17.28 15.76 -14.79
N ASN D 91 16.26 15.90 -15.65
CA ASN D 91 14.95 16.36 -15.24
C ASN D 91 14.25 15.43 -14.24
N LEU D 92 14.30 14.14 -14.50
CA LEU D 92 13.70 13.18 -13.61
C LEU D 92 14.41 13.17 -12.24
N LEU D 93 15.74 13.12 -12.24
CA LEU D 93 16.48 13.09 -10.99
C LEU D 93 16.35 14.41 -10.23
N GLU D 94 16.23 15.51 -10.97
CA GLU D 94 15.98 16.82 -10.37
C GLU D 94 14.68 16.82 -9.57
N MET D 95 13.62 16.22 -10.14
CA MET D 95 12.34 16.06 -9.44
C MET D 95 12.52 15.14 -8.26
N SER D 96 13.28 14.07 -8.52
CA SER D 96 13.61 13.04 -7.56
C SER D 96 14.47 13.64 -6.46
N ASP D 97 15.37 14.52 -6.83
CA ASP D 97 16.11 15.22 -5.81
C ASP D 97 15.15 16.11 -5.01
N HIS D 98 14.28 16.83 -5.70
CA HIS D 98 13.33 17.77 -5.09
C HIS D 98 12.25 17.14 -4.23
N SER D 99 11.71 16.00 -4.68
CA SER D 99 10.74 15.26 -3.87
C SER D 99 11.42 14.78 -2.58
N LEU D 100 12.65 14.30 -2.76
CA LEU D 100 13.50 13.88 -1.66
C LEU D 100 13.83 15.07 -0.75
N ASP D 101 14.08 16.24 -1.33
CA ASP D 101 14.32 17.44 -0.52
C ASP D 101 13.14 17.79 0.38
N LYS D 102 11.93 17.75 -0.18
CA LYS D 102 10.70 18.04 0.56
C LYS D 102 10.48 17.01 1.67
N LEU D 103 10.89 15.76 1.39
CA LEU D 103 10.84 14.65 2.35
C LEU D 103 11.86 14.78 3.47
N ASN D 104 13.11 15.04 3.10
CA ASN D 104 14.19 15.17 4.05
C ASN D 104 13.95 16.33 4.97
N CYS D 105 13.42 17.41 4.41
CA CYS D 105 13.10 18.60 5.18
C CYS D 105 12.00 18.32 6.18
N ALA D 106 10.99 17.56 5.76
CA ALA D 106 9.85 17.29 6.63
C ALA D 106 10.30 16.59 7.93
N ILE D 107 11.24 15.66 7.80
CA ILE D 107 11.84 14.95 8.95
C ILE D 107 12.83 15.79 9.78
N ASN D 108 13.81 16.39 9.11
CA ASN D 108 14.85 17.14 9.81
C ASN D 108 14.30 18.41 10.45
N MET E 1 32.03 -20.01 -38.90
CA MET E 1 31.35 -19.17 -39.86
C MET E 1 30.02 -19.77 -40.33
N GLU E 2 29.00 -18.89 -40.44
CA GLU E 2 27.67 -19.24 -40.93
C GLU E 2 26.80 -20.06 -39.96
N ASP E 3 27.15 -20.08 -38.67
CA ASP E 3 26.36 -20.88 -37.73
C ASP E 3 25.32 -20.02 -37.04
N ILE E 4 24.24 -19.79 -37.77
CA ILE E 4 23.14 -18.93 -37.36
C ILE E 4 22.19 -19.66 -36.43
N GLU E 5 22.23 -20.99 -36.49
CA GLU E 5 21.35 -21.80 -35.67
C GLU E 5 21.58 -21.46 -34.22
N LYS E 6 22.84 -21.17 -33.90
CA LYS E 6 23.21 -20.74 -32.55
C LYS E 6 22.72 -19.34 -32.20
N ILE E 7 22.87 -18.38 -33.12
CA ILE E 7 22.48 -17.00 -32.85
C ILE E 7 20.95 -16.84 -32.75
N LYS E 8 20.22 -17.64 -33.50
CA LYS E 8 18.77 -17.49 -33.60
C LYS E 8 18.03 -17.52 -32.25
N PRO E 9 18.34 -18.48 -31.37
CA PRO E 9 17.65 -18.51 -30.07
C PRO E 9 17.85 -17.27 -29.19
N TYR E 10 19.06 -16.70 -29.19
CA TYR E 10 19.34 -15.48 -28.43
C TYR E 10 18.39 -14.36 -28.80
N VAL E 11 18.23 -14.17 -30.11
CA VAL E 11 17.31 -13.18 -30.62
C VAL E 11 15.89 -13.52 -30.16
N ARG E 12 15.53 -14.79 -30.29
CA ARG E 12 14.20 -15.21 -29.92
C ARG E 12 13.99 -14.99 -28.43
N SER E 13 14.99 -15.36 -27.63
CA SER E 13 14.90 -15.16 -26.19
C SER E 13 14.74 -13.70 -25.84
N PHE E 14 15.49 -12.89 -26.57
CA PHE E 14 15.45 -11.46 -26.42
C PHE E 14 14.11 -10.88 -26.79
N SER E 15 13.60 -11.30 -27.93
CA SER E 15 12.34 -10.80 -28.44
C SER E 15 11.19 -11.14 -27.51
N LYS E 16 11.22 -12.35 -26.97
CA LYS E 16 10.17 -12.80 -26.05
C LYS E 16 10.14 -11.91 -24.81
N ALA E 17 11.31 -11.57 -24.28
CA ALA E 17 11.38 -10.74 -23.09
C ALA E 17 10.72 -9.40 -23.40
N LEU E 18 10.91 -8.93 -24.64
CA LEU E 18 10.31 -7.67 -25.12
C LEU E 18 8.77 -7.67 -25.14
N ASP E 19 8.20 -8.79 -25.56
CA ASP E 19 6.75 -8.96 -25.58
C ASP E 19 6.21 -8.96 -24.15
N GLU E 20 6.94 -9.60 -23.24
CA GLU E 20 6.60 -9.64 -21.81
C GLU E 20 6.65 -8.26 -21.13
N LEU E 21 7.59 -7.42 -21.54
CA LEU E 21 7.69 -6.07 -20.95
C LEU E 21 6.57 -5.15 -21.43
N LYS E 22 6.15 -5.29 -22.69
CA LYS E 22 5.23 -4.35 -23.33
C LYS E 22 4.02 -3.99 -22.46
N PRO E 23 3.35 -5.00 -21.84
CA PRO E 23 2.19 -4.69 -21.01
C PRO E 23 2.50 -3.83 -19.80
N GLU E 24 3.62 -4.12 -19.16
CA GLU E 24 4.02 -3.43 -17.96
C GLU E 24 4.33 -1.98 -18.25
N ILE E 25 4.98 -1.74 -19.39
CA ILE E 25 5.28 -0.38 -19.81
C ILE E 25 3.98 0.36 -20.09
N GLU E 26 3.03 -0.31 -20.72
CA GLU E 26 1.75 0.32 -21.05
C GLU E 26 1.01 0.68 -19.78
N LYS E 27 1.11 -0.17 -18.75
CA LYS E 27 0.50 0.16 -17.47
C LYS E 27 1.16 1.37 -16.86
N LEU E 28 2.47 1.40 -16.96
CA LEU E 28 3.22 2.47 -16.36
C LEU E 28 2.86 3.76 -17.11
N THR E 29 2.68 3.64 -18.42
CA THR E 29 2.47 4.81 -19.29
C THR E 29 0.98 5.07 -19.60
N SER E 30 0.11 4.35 -18.91
CA SER E 30 -1.32 4.54 -19.01
C SER E 30 -1.70 5.96 -18.64
N LYS E 31 -0.82 6.63 -17.91
CA LYS E 31 -1.04 8.02 -17.58
C LYS E 31 0.27 8.74 -17.59
N SER E 32 0.19 10.04 -17.85
CA SER E 32 1.39 10.84 -17.87
C SER E 32 1.97 10.82 -16.47
N LEU E 33 3.29 10.91 -16.35
CA LEU E 33 3.91 10.98 -15.04
C LEU E 33 3.28 12.16 -14.29
N ASP E 34 2.99 13.25 -15.00
CA ASP E 34 2.34 14.42 -14.39
C ASP E 34 1.01 14.10 -13.74
N GLU E 35 0.15 13.35 -14.45
CA GLU E 35 -1.14 12.91 -13.93
C GLU E 35 -0.99 11.99 -12.74
N GLN E 36 -0.06 11.04 -12.87
CA GLN E 36 0.19 10.03 -11.85
C GLN E 36 0.60 10.65 -10.55
N LEU E 37 1.52 11.59 -10.63
CA LEU E 37 1.97 12.34 -9.47
C LEU E 37 0.87 13.22 -8.85
N LEU E 38 0.00 13.78 -9.68
CA LEU E 38 -1.07 14.63 -9.20
C LEU E 38 -1.97 13.90 -8.23
N LEU E 39 -2.23 12.64 -8.51
CA LEU E 39 -3.07 11.81 -7.65
C LEU E 39 -2.31 11.31 -6.41
N LEU E 40 -1.06 11.72 -6.25
CA LEU E 40 -0.25 11.29 -5.12
C LEU E 40 0.16 12.47 -4.27
N SER E 41 0.09 12.31 -2.95
CA SER E 41 0.46 13.38 -2.03
C SER E 41 1.70 13.00 -1.20
N ASP E 42 1.81 11.71 -0.84
CA ASP E 42 2.97 11.27 -0.09
C ASP E 42 4.18 11.54 -0.97
N GLU E 43 4.98 12.52 -0.57
CA GLU E 43 6.15 12.90 -1.32
C GLU E 43 7.00 11.66 -1.54
N ARG E 44 7.07 10.81 -0.52
CA ARG E 44 7.81 9.56 -0.63
C ARG E 44 7.31 8.76 -1.81
N ALA E 45 5.99 8.65 -1.93
CA ALA E 45 5.41 7.97 -3.07
C ALA E 45 5.74 8.70 -4.39
N LYS E 46 5.76 10.03 -4.34
CA LYS E 46 6.08 10.78 -5.55
C LYS E 46 7.49 10.47 -5.89
N LEU E 47 8.31 10.48 -4.84
CA LEU E 47 9.71 10.25 -5.00
C LEU E 47 9.89 8.84 -5.51
N GLU E 48 9.09 7.94 -4.98
CA GLU E 48 9.24 6.56 -5.40
C GLU E 48 8.85 6.41 -6.84
N LEU E 49 7.77 7.07 -7.23
CA LEU E 49 7.33 6.98 -8.60
C LEU E 49 8.40 7.52 -9.55
N ILE E 50 8.99 8.64 -9.19
CA ILE E 50 10.00 9.25 -10.03
C ILE E 50 11.25 8.40 -10.20
N ASN E 51 11.78 7.85 -9.11
CA ASN E 51 12.98 7.02 -9.15
C ASN E 51 12.74 5.83 -10.05
N ARG E 52 11.52 5.32 -9.96
CA ARG E 52 11.10 4.17 -10.74
C ARG E 52 11.17 4.43 -12.23
N TYR E 53 10.60 5.56 -12.63
CA TYR E 53 10.63 5.98 -14.02
C TYR E 53 12.05 6.11 -14.51
N ALA E 54 12.89 6.77 -13.71
CA ALA E 54 14.29 6.96 -14.06
C ALA E 54 15.02 5.64 -14.17
N TYR E 55 14.69 4.68 -13.29
CA TYR E 55 15.38 3.39 -13.34
C TYR E 55 15.02 2.66 -14.62
N VAL E 56 13.72 2.59 -14.90
CA VAL E 56 13.25 1.84 -16.05
C VAL E 56 13.78 2.43 -17.33
N LEU E 57 13.82 3.75 -17.40
CA LEU E 57 14.31 4.41 -18.60
C LEU E 57 15.80 4.19 -18.87
N SER E 58 16.63 4.35 -17.84
CA SER E 58 18.05 4.20 -18.03
C SER E 58 18.35 2.73 -18.33
N SER E 59 17.64 1.83 -17.66
CA SER E 59 17.88 0.41 -17.89
C SER E 59 17.59 0.11 -19.34
N LEU E 60 16.48 0.63 -19.85
CA LEU E 60 16.12 0.40 -21.24
C LEU E 60 17.17 1.01 -22.19
N MET E 61 17.76 2.13 -21.78
CA MET E 61 18.83 2.76 -22.54
C MET E 61 20.08 1.89 -22.62
N PHE E 62 20.44 1.25 -21.52
CA PHE E 62 21.62 0.38 -21.46
C PHE E 62 21.44 -0.82 -22.38
N ALA E 63 20.26 -1.44 -22.34
CA ALA E 63 19.97 -2.63 -23.14
C ALA E 63 20.06 -2.34 -24.65
N ASN E 64 19.58 -1.17 -25.05
CA ASN E 64 19.64 -0.78 -26.44
C ASN E 64 21.05 -0.56 -26.98
N MET E 65 21.88 0.11 -26.20
CA MET E 65 23.25 0.39 -26.60
C MET E 65 23.99 -0.94 -26.74
N LYS E 66 23.68 -1.87 -25.86
CA LYS E 66 24.26 -3.19 -25.94
C LYS E 66 23.89 -3.87 -27.24
N VAL E 67 22.61 -3.76 -27.61
CA VAL E 67 22.13 -4.33 -28.86
C VAL E 67 22.85 -3.68 -30.04
N LEU E 68 23.01 -2.34 -30.00
CA LEU E 68 23.77 -1.64 -31.04
C LEU E 68 25.24 -2.01 -31.07
N GLY E 69 25.82 -2.34 -29.92
CA GLY E 69 27.23 -2.65 -29.92
C GLY E 69 28.03 -1.39 -29.73
N VAL E 70 27.56 -0.49 -28.87
CA VAL E 70 28.26 0.77 -28.62
C VAL E 70 29.63 0.55 -28.02
N LYS E 71 30.64 1.21 -28.62
CA LYS E 71 32.02 1.01 -28.25
C LYS E 71 32.21 1.45 -26.80
N ASP E 72 31.80 2.66 -26.50
CA ASP E 72 32.02 3.17 -25.16
C ASP E 72 30.74 3.15 -24.38
N MET E 73 30.69 2.30 -23.35
CA MET E 73 29.49 2.19 -22.53
C MET E 73 29.63 3.09 -21.33
N SER E 74 30.78 3.75 -21.24
CA SER E 74 31.11 4.61 -20.10
C SER E 74 30.05 5.69 -19.86
N PRO E 75 29.52 6.31 -20.92
CA PRO E 75 28.48 7.31 -20.68
C PRO E 75 27.17 6.82 -20.02
N ILE E 76 26.57 5.72 -20.48
CA ILE E 76 25.32 5.27 -19.89
C ILE E 76 25.46 4.88 -18.44
N LEU E 77 26.57 4.24 -18.14
CA LEU E 77 26.85 3.73 -16.83
C LEU E 77 26.81 4.86 -15.81
N GLY E 78 27.25 6.05 -16.23
CA GLY E 78 27.25 7.20 -15.37
C GLY E 78 25.84 7.55 -14.95
N GLU E 79 24.90 7.48 -15.89
CA GLU E 79 23.54 7.76 -15.55
C GLU E 79 22.97 6.76 -14.56
N LEU E 80 23.28 5.49 -14.76
CA LEU E 80 22.77 4.45 -13.89
C LEU E 80 23.24 4.60 -12.42
N LYS E 81 24.47 5.05 -12.24
CA LYS E 81 25.00 5.23 -10.91
C LYS E 81 24.17 6.25 -10.16
N ARG E 82 23.80 7.30 -10.87
CA ARG E 82 23.01 8.40 -10.34
C ARG E 82 21.64 7.93 -9.87
N VAL E 83 21.04 7.06 -10.66
CA VAL E 83 19.75 6.48 -10.30
C VAL E 83 19.91 5.65 -9.05
N LYS E 84 20.99 4.87 -9.00
CA LYS E 84 21.27 4.05 -7.84
C LYS E 84 21.46 4.97 -6.65
N SER E 85 22.13 6.08 -6.90
CA SER E 85 22.37 7.07 -5.88
C SER E 85 21.07 7.59 -5.26
N TYR E 86 20.13 8.02 -6.09
CA TYR E 86 18.88 8.59 -5.59
C TYR E 86 17.95 7.56 -4.97
N MET E 87 17.93 6.36 -5.55
CA MET E 87 17.10 5.30 -5.01
C MET E 87 17.58 4.90 -3.64
N ASP E 88 18.89 4.89 -3.45
CA ASP E 88 19.47 4.59 -2.16
C ASP E 88 19.02 5.64 -1.12
N LYS E 89 19.08 6.89 -1.53
CA LYS E 89 18.71 8.03 -0.71
C LYS E 89 17.23 7.88 -0.31
N ALA E 90 16.42 7.36 -1.22
CA ALA E 90 15.02 7.12 -0.91
C ALA E 90 14.83 6.09 0.18
N LYS E 91 15.53 4.97 0.03
CA LYS E 91 15.42 3.85 0.96
C LYS E 91 15.91 4.25 2.33
N GLN E 92 17.03 4.94 2.36
CA GLN E 92 17.62 5.39 3.61
C GLN E 92 16.69 6.34 4.38
N TYR E 93 15.91 7.16 3.67
CA TYR E 93 14.90 7.97 4.35
C TYR E 93 13.85 7.08 5.03
N ASP E 94 13.46 5.99 4.38
CA ASP E 94 12.47 5.07 4.93
C ASP E 94 12.89 4.46 6.26
N ASN E 95 14.14 4.02 6.33
CA ASN E 95 14.72 3.34 7.51
C ASN E 95 14.75 4.15 8.79
N ARG E 96 15.04 5.45 8.66
CA ARG E 96 14.96 6.37 9.78
C ARG E 96 13.52 6.47 10.27
N ILE E 97 12.58 6.49 9.32
CA ILE E 97 11.14 6.52 9.62
C ILE E 97 10.66 5.30 10.39
N THR E 98 11.12 4.12 9.97
CA THR E 98 10.75 2.85 10.60
C THR E 98 11.13 2.80 12.09
N LYS E 99 12.36 3.23 12.39
CA LYS E 99 12.88 3.25 13.77
C LYS E 99 12.04 4.16 14.66
N SER E 100 11.68 5.30 14.10
CA SER E 100 10.78 6.24 14.76
C SER E 100 9.51 5.49 15.09
N ASN E 101 8.93 4.87 14.06
CA ASN E 101 7.78 3.99 14.23
C ASN E 101 8.14 2.68 14.93
N ASP F 5 19.64 -6.14 -5.10
CA ASP F 5 20.13 -5.08 -5.96
C ASP F 5 19.49 -5.15 -7.35
N LEU F 6 19.09 -3.98 -7.85
CA LEU F 6 18.46 -3.82 -9.14
C LEU F 6 19.52 -3.50 -10.19
N PHE F 7 20.71 -3.14 -9.71
CA PHE F 7 21.81 -2.78 -10.59
C PHE F 7 22.84 -3.89 -10.85
N ASP F 8 22.64 -5.06 -10.27
CA ASP F 8 23.56 -6.18 -10.48
C ASP F 8 23.67 -6.56 -11.97
N VAL F 9 22.57 -6.47 -12.69
CA VAL F 9 22.51 -6.91 -14.09
C VAL F 9 23.46 -6.09 -14.99
N PHE F 10 23.80 -4.89 -14.56
CA PHE F 10 24.71 -4.00 -15.27
C PHE F 10 26.18 -4.26 -14.97
N GLU F 11 26.45 -4.92 -13.84
CA GLU F 11 27.81 -5.19 -13.41
C GLU F 11 28.46 -6.41 -14.05
N GLU F 12 27.76 -7.54 -14.04
CA GLU F 12 28.29 -8.77 -14.64
C GLU F 12 28.82 -8.57 -16.06
N PRO G 10 -7.96 17.01 8.02
CA PRO G 10 -7.03 16.17 7.24
C PRO G 10 -5.80 15.71 8.06
N ASP G 11 -5.42 16.49 9.07
CA ASP G 11 -4.27 16.15 9.94
C ASP G 11 -4.65 15.15 11.04
N VAL G 12 -3.79 14.16 11.28
CA VAL G 12 -4.11 13.11 12.25
C VAL G 12 -4.28 13.70 13.66
N LEU G 13 -3.44 14.67 14.02
CA LEU G 13 -3.53 15.32 15.33
C LEU G 13 -4.86 16.05 15.44
N LEU G 14 -5.15 16.83 14.41
CA LEU G 14 -6.33 17.67 14.35
C LEU G 14 -7.56 16.76 14.41
N SER G 15 -7.42 15.56 13.84
CA SER G 15 -8.49 14.56 13.85
C SER G 15 -8.86 14.14 15.26
N ARG G 16 -7.85 13.83 16.07
CA ARG G 16 -8.06 13.39 17.43
C ARG G 16 -8.65 14.49 18.32
N VAL G 17 -8.21 15.72 18.13
CA VAL G 17 -8.68 16.86 18.91
C VAL G 17 -10.18 17.12 18.75
N ILE G 18 -10.65 17.10 17.51
CA ILE G 18 -12.08 17.31 17.18
C ILE G 18 -12.94 16.17 17.75
N ASN G 19 -12.41 14.95 17.67
CA ASN G 19 -13.08 13.78 18.21
C ASN G 19 -13.26 13.92 19.73
N VAL G 20 -12.23 14.46 20.38
CA VAL G 20 -12.27 14.68 21.83
C VAL G 20 -13.27 15.75 22.24
N VAL G 21 -13.28 16.85 21.50
CA VAL G 21 -14.20 17.94 21.77
C VAL G 21 -15.63 17.43 21.63
N ARG G 22 -15.84 16.65 20.58
CA ARG G 22 -17.14 16.04 20.32
C ARG G 22 -17.57 15.03 21.38
N ALA G 23 -16.64 14.17 21.79
CA ALA G 23 -16.93 13.13 22.78
C ALA G 23 -17.35 13.78 24.08
N ALA G 24 -16.70 14.90 24.39
CA ALA G 24 -16.99 15.70 25.57
C ALA G 24 -18.35 16.41 25.52
N SER G 25 -18.62 17.11 24.41
CA SER G 25 -19.88 17.85 24.24
C SER G 25 -21.08 16.92 24.22
N SER G 26 -20.90 15.73 23.65
CA SER G 26 -21.93 14.70 23.67
C SER G 26 -22.26 14.27 25.11
N LEU G 27 -21.21 14.04 25.91
CA LEU G 27 -21.36 13.61 27.31
C LEU G 27 -22.22 14.59 28.08
N ALA G 28 -21.99 15.87 27.80
CA ALA G 28 -22.67 16.96 28.48
C ALA G 28 -24.17 16.92 28.19
N SER G 29 -24.52 16.53 26.96
CA SER G 29 -25.91 16.44 26.51
C SER G 29 -26.78 15.64 27.46
N GLN G 30 -26.22 14.59 28.05
CA GLN G 30 -26.93 13.83 29.06
C GLN G 30 -26.93 14.57 30.40
N ASP G 31 -27.73 14.08 31.35
CA ASP G 31 -27.87 14.72 32.66
C ASP G 31 -26.75 14.29 33.60
N VAL G 32 -25.54 14.80 33.33
CA VAL G 32 -24.32 14.44 34.06
C VAL G 32 -24.39 14.76 35.55
N ASP G 33 -25.01 15.88 35.91
CA ASP G 33 -25.18 16.22 37.33
C ASP G 33 -25.99 15.16 38.07
N PHE G 34 -27.02 14.67 37.42
CA PHE G 34 -27.92 13.74 38.05
C PHE G 34 -27.24 12.42 38.38
N TYR G 35 -26.53 11.87 37.41
CA TYR G 35 -25.81 10.62 37.62
C TYR G 35 -24.55 10.79 38.46
N LYS G 36 -23.93 11.96 38.35
CA LYS G 36 -22.72 12.26 39.12
C LYS G 36 -23.06 12.29 40.61
N ASN G 37 -24.23 12.87 40.89
CA ASN G 37 -24.77 12.98 42.24
C ASN G 37 -25.47 11.71 42.68
N LEU G 38 -25.99 10.96 41.71
CA LEU G 38 -26.74 9.77 42.01
C LEU G 38 -25.68 8.75 42.48
N ASP G 39 -24.57 8.68 41.76
CA ASP G 39 -23.51 7.72 42.06
C ASP G 39 -22.14 8.39 42.28
N ARG G 40 -21.55 8.17 43.44
CA ARG G 40 -20.20 8.69 43.75
C ARG G 40 -19.10 8.09 42.89
N GLY G 41 -19.15 6.77 42.66
CA GLY G 41 -18.18 6.06 41.85
C GLY G 41 -18.16 6.60 40.44
N PHE G 42 -19.35 6.79 39.88
CA PHE G 42 -19.50 7.40 38.56
C PHE G 42 -18.90 8.78 38.57
N SER G 43 -19.20 9.50 39.65
CA SER G 43 -18.63 10.80 39.88
C SER G 43 -17.12 10.68 39.88
N LYS G 44 -16.62 9.69 40.62
CA LYS G 44 -15.20 9.45 40.73
C LYS G 44 -14.55 9.21 39.38
N ASP G 45 -15.10 8.24 38.64
CA ASP G 45 -14.58 7.91 37.33
C ASP G 45 -14.56 9.12 36.42
N LEU G 46 -15.67 9.86 36.41
CA LEU G 46 -15.79 11.02 35.55
C LEU G 46 -14.67 12.00 35.86
N LYS G 47 -14.39 12.19 37.15
CA LYS G 47 -13.33 13.10 37.64
C LYS G 47 -11.94 12.69 37.12
N SER G 48 -11.69 11.39 37.04
CA SER G 48 -10.45 10.86 36.48
C SER G 48 -10.30 11.23 35.01
N LYS G 49 -11.41 11.12 34.31
CA LYS G 49 -11.51 11.46 32.89
C LYS G 49 -11.26 12.95 32.65
N ALA G 50 -11.83 13.78 33.52
CA ALA G 50 -11.64 15.22 33.48
C ALA G 50 -10.19 15.54 33.73
N ASP G 51 -9.60 14.82 34.68
CA ASP G 51 -8.20 14.98 35.00
C ASP G 51 -7.31 14.65 33.80
N LYS G 52 -7.65 13.58 33.09
CA LYS G 52 -6.86 13.14 31.95
C LYS G 52 -6.76 14.21 30.87
N LEU G 53 -7.90 14.81 30.60
CA LEU G 53 -8.00 15.88 29.63
C LEU G 53 -7.22 17.07 30.11
N ALA G 54 -7.34 17.35 31.40
CA ALA G 54 -6.63 18.46 32.04
C ALA G 54 -5.13 18.24 31.91
N ASP G 55 -4.69 16.99 32.07
CA ASP G 55 -3.27 16.69 32.01
C ASP G 55 -2.68 17.09 30.65
N MET G 56 -3.40 16.75 29.59
CA MET G 56 -2.90 16.95 28.24
C MET G 56 -2.78 18.42 27.84
N ALA G 57 -3.76 19.24 28.20
CA ALA G 57 -3.72 20.69 27.93
C ALA G 57 -2.62 21.39 28.72
N ASN G 58 -2.44 20.97 29.96
CA ASN G 58 -1.40 21.53 30.81
C ASN G 58 -0.02 21.22 30.27
N GLU G 59 0.15 20.03 29.69
CA GLU G 59 1.44 19.69 29.07
C GLU G 59 1.74 20.64 27.92
N ILE G 60 0.71 20.98 27.14
CA ILE G 60 0.87 21.91 26.01
C ILE G 60 1.28 23.33 26.45
N ILE G 61 0.64 23.81 27.51
CA ILE G 61 0.91 25.13 28.08
C ILE G 61 2.34 25.19 28.59
N LEU G 62 2.82 24.06 29.09
CA LEU G 62 4.20 23.91 29.55
C LEU G 62 5.21 24.06 28.40
N SER G 63 4.81 23.56 27.22
CA SER G 63 5.58 23.68 25.97
C SER G 63 5.69 25.12 25.51
N ILE G 64 4.64 25.90 25.79
CA ILE G 64 4.54 27.31 25.40
C ILE G 64 5.35 28.31 26.25
N ASP G 65 5.45 28.08 27.56
CA ASP G 65 6.14 29.02 28.47
C ASP G 65 7.66 29.01 28.31
N ASN G 83 -9.12 33.86 33.09
CA ASN G 83 -8.27 35.02 33.36
C ASN G 83 -6.88 34.76 32.84
N ASN G 84 -6.33 33.65 33.33
CA ASN G 84 -5.04 33.12 32.91
C ASN G 84 -5.03 32.64 31.45
N PHE G 85 -6.11 31.98 31.04
CA PHE G 85 -6.27 31.47 29.68
C PHE G 85 -6.36 32.56 28.60
N GLY G 86 -7.08 33.62 28.91
CA GLY G 86 -7.22 34.73 27.97
C GLY G 86 -5.87 35.35 27.65
N ASN G 87 -5.01 35.52 28.66
CA ASN G 87 -3.68 36.11 28.44
C ASN G 87 -2.75 35.20 27.61
N ILE G 88 -2.80 33.88 27.80
CA ILE G 88 -1.99 32.95 26.99
C ILE G 88 -2.42 32.92 25.51
N MET G 89 -3.73 32.93 25.27
CA MET G 89 -4.28 32.95 23.92
C MET G 89 -3.81 34.22 23.22
N ASP G 90 -3.79 35.32 23.97
CA ASP G 90 -3.40 36.63 23.48
C ASP G 90 -1.96 36.67 22.98
N ASN G 91 -1.07 36.08 23.78
CA ASN G 91 0.35 36.03 23.44
C ASN G 91 0.49 35.25 22.16
N LEU G 92 -0.23 34.14 22.07
CA LEU G 92 -0.19 33.27 20.91
C LEU G 92 -0.66 34.06 19.71
N LEU G 93 -1.76 34.76 19.91
CA LEU G 93 -2.31 35.58 18.85
C LEU G 93 -1.43 36.79 18.58
N GLU G 94 -0.79 37.33 19.61
CA GLU G 94 0.08 38.48 19.42
C GLU G 94 1.21 38.10 18.46
N MET G 95 1.75 36.89 18.65
CA MET G 95 2.78 36.31 17.78
C MET G 95 2.33 36.00 16.35
N SER G 96 1.11 35.45 16.23
CA SER G 96 0.56 35.05 14.94
C SER G 96 0.38 36.27 14.06
N ASP G 97 -0.07 37.34 14.70
CA ASP G 97 -0.21 38.63 14.08
C ASP G 97 1.14 39.23 13.66
N HIS G 98 2.15 39.13 14.52
CA HIS G 98 3.47 39.63 14.18
C HIS G 98 4.02 38.80 13.02
N SER G 99 3.77 37.51 13.10
CA SER G 99 4.12 36.59 12.02
C SER G 99 3.36 36.97 10.77
N LEU G 100 2.10 37.33 10.96
CA LEU G 100 1.29 37.84 9.88
C LEU G 100 1.86 39.15 9.34
N ASP G 101 2.31 40.02 10.25
CA ASP G 101 2.90 41.30 9.87
C ASP G 101 4.11 41.13 8.99
N LYS G 102 4.99 40.22 9.38
CA LYS G 102 6.22 39.97 8.64
C LYS G 102 5.91 39.44 7.27
N LEU G 103 4.85 38.64 7.19
CA LEU G 103 4.38 38.12 5.92
C LEU G 103 3.86 39.29 5.12
N ASN G 104 3.08 40.14 5.78
CA ASN G 104 2.43 41.27 5.14
C ASN G 104 3.42 42.28 4.54
N CYS G 105 4.51 42.57 5.23
CA CYS G 105 5.48 43.54 4.71
C CYS G 105 6.16 43.09 3.43
N ALA G 106 6.59 41.83 3.41
CA ALA G 106 7.30 41.26 2.25
C ALA G 106 6.46 41.30 0.98
N ILE G 107 5.15 41.13 1.13
CA ILE G 107 4.23 41.19 0.00
C ILE G 107 4.17 42.63 -0.52
N ASN G 108 4.05 43.56 0.41
CA ASN G 108 3.93 45.00 0.14
C ASN G 108 5.25 45.61 -0.36
N GLU H 2 -34.62 7.06 35.87
CA GLU H 2 -33.72 6.88 34.74
C GLU H 2 -32.55 5.96 35.10
N ASP H 3 -31.89 5.44 34.06
CA ASP H 3 -30.74 4.52 34.20
C ASP H 3 -29.35 5.11 33.96
N ILE H 4 -28.40 4.74 34.80
CA ILE H 4 -27.03 5.25 34.70
C ILE H 4 -26.28 4.47 33.61
N GLU H 5 -26.85 3.33 33.24
CA GLU H 5 -26.25 2.46 32.25
C GLU H 5 -26.03 3.24 30.98
N LYS H 6 -26.95 4.17 30.71
CA LYS H 6 -26.88 5.03 29.54
C LYS H 6 -25.73 6.02 29.57
N ILE H 7 -25.49 6.64 30.72
CA ILE H 7 -24.45 7.65 30.79
C ILE H 7 -23.05 7.08 30.64
N LYS H 8 -22.85 5.86 31.12
CA LYS H 8 -21.53 5.24 31.17
C LYS H 8 -20.80 5.10 29.81
N PRO H 9 -21.50 4.69 28.73
CA PRO H 9 -20.75 4.61 27.48
C PRO H 9 -20.22 5.98 27.02
N TYR H 10 -21.02 7.03 27.24
CA TYR H 10 -20.63 8.39 26.87
C TYR H 10 -19.28 8.71 27.44
N VAL H 11 -19.12 8.41 28.71
CA VAL H 11 -17.86 8.63 29.40
C VAL H 11 -16.77 7.78 28.74
N ARG H 12 -17.06 6.50 28.50
CA ARG H 12 -16.03 5.61 27.97
C ARG H 12 -15.57 6.12 26.63
N SER H 13 -16.52 6.56 25.81
CA SER H 13 -16.15 7.11 24.53
C SER H 13 -15.27 8.32 24.76
N PHE H 14 -15.60 9.12 25.78
CA PHE H 14 -14.76 10.27 26.08
C PHE H 14 -13.35 9.83 26.50
N SER H 15 -13.27 8.82 27.37
CA SER H 15 -11.98 8.31 27.85
C SER H 15 -11.16 7.73 26.70
N LYS H 16 -11.84 6.94 25.87
CA LYS H 16 -11.20 6.30 24.74
C LYS H 16 -10.66 7.34 23.77
N ALA H 17 -11.44 8.39 23.52
CA ALA H 17 -11.03 9.47 22.63
C ALA H 17 -9.80 10.16 23.20
N LEU H 18 -9.79 10.33 24.52
CA LEU H 18 -8.70 10.95 25.25
C LEU H 18 -7.41 10.16 25.18
N ASP H 19 -7.52 8.84 25.27
CA ASP H 19 -6.37 7.96 25.15
C ASP H 19 -5.76 8.08 23.74
N GLU H 20 -6.64 8.15 22.74
CA GLU H 20 -6.27 8.28 21.33
C GLU H 20 -5.51 9.59 20.99
N LEU H 21 -5.88 10.68 21.67
CA LEU H 21 -5.24 12.01 21.49
C LEU H 21 -3.83 12.16 22.07
N LYS H 22 -3.58 11.49 23.19
CA LYS H 22 -2.30 11.62 23.89
C LYS H 22 -1.04 11.38 23.04
N PRO H 23 -1.00 10.32 22.18
CA PRO H 23 0.23 10.12 21.41
C PRO H 23 0.55 11.32 20.56
N GLU H 24 -0.51 11.89 20.01
CA GLU H 24 -0.43 13.06 19.17
C GLU H 24 -0.02 14.29 19.96
N ILE H 25 -0.59 14.42 21.16
CA ILE H 25 -0.22 15.52 22.01
C ILE H 25 1.24 15.36 22.41
N GLU H 26 1.66 14.12 22.62
CA GLU H 26 3.05 13.89 22.99
C GLU H 26 4.02 14.27 21.87
N LYS H 27 3.64 14.01 20.64
CA LYS H 27 4.48 14.40 19.51
C LYS H 27 4.60 15.92 19.43
N LEU H 28 3.51 16.62 19.70
CA LEU H 28 3.50 18.08 19.62
C LEU H 28 4.34 18.83 20.67
N THR H 29 4.29 18.35 21.90
CA THR H 29 4.96 19.03 22.99
C THR H 29 6.30 18.39 23.26
N SER H 30 6.68 17.48 22.36
CA SER H 30 7.96 16.78 22.40
C SER H 30 9.12 17.76 22.45
N LYS H 31 8.85 19.00 22.06
CA LYS H 31 9.82 20.08 22.15
C LYS H 31 9.06 21.35 22.47
N SER H 32 9.73 22.31 23.10
CA SER H 32 9.12 23.58 23.47
C SER H 32 8.68 24.38 22.23
N LEU H 33 7.65 25.20 22.38
CA LEU H 33 7.16 26.04 21.28
C LEU H 33 8.16 27.04 20.64
N ASP H 34 8.88 27.81 21.44
CA ASP H 34 9.85 28.78 20.92
C ASP H 34 10.96 28.11 20.13
N GLU H 35 11.43 26.99 20.67
CA GLU H 35 12.44 26.16 20.04
C GLU H 35 11.97 25.60 18.72
N GLN H 36 10.70 25.17 18.71
CA GLN H 36 10.09 24.65 17.50
C GLN H 36 10.08 25.78 16.47
N LEU H 37 9.75 27.00 16.91
CA LEU H 37 9.78 28.14 16.00
C LEU H 37 11.20 28.42 15.49
N LEU H 38 12.17 28.33 16.38
CA LEU H 38 13.56 28.59 16.03
C LEU H 38 14.07 27.59 15.02
N LEU H 39 13.59 26.35 15.13
CA LEU H 39 13.95 25.28 14.20
C LEU H 39 13.22 25.39 12.83
N LEU H 40 12.51 26.50 12.63
CA LEU H 40 11.81 26.82 11.36
C LEU H 40 12.26 28.17 10.80
N SER H 41 12.37 28.29 9.48
CA SER H 41 12.82 29.56 8.92
C SER H 41 11.74 30.29 8.11
N ASP H 42 10.92 29.53 7.38
CA ASP H 42 9.80 30.11 6.63
C ASP H 42 8.70 30.68 7.53
N GLU H 43 8.45 31.98 7.42
CA GLU H 43 7.40 32.65 8.19
C GLU H 43 6.03 31.96 8.05
N ARG H 44 5.70 31.53 6.83
CA ARG H 44 4.42 30.84 6.58
C ARG H 44 4.24 29.59 7.42
N ALA H 45 5.27 28.76 7.44
CA ALA H 45 5.28 27.57 8.26
C ALA H 45 5.19 27.99 9.73
N LYS H 46 5.77 29.14 10.08
CA LYS H 46 5.69 29.65 11.47
C LYS H 46 4.26 30.10 11.82
N LEU H 47 3.60 30.79 10.90
CA LEU H 47 2.25 31.30 11.15
C LEU H 47 1.27 30.14 11.34
N GLU H 48 1.52 29.07 10.60
CA GLU H 48 0.68 27.89 10.64
C GLU H 48 0.80 27.20 11.99
N LEU H 49 2.04 27.03 12.43
CA LEU H 49 2.31 26.38 13.71
C LEU H 49 1.75 27.15 14.90
N ILE H 50 1.95 28.46 14.92
CA ILE H 50 1.40 29.26 16.00
C ILE H 50 -0.11 29.15 15.91
N ASN H 51 -0.67 29.21 14.70
CA ASN H 51 -2.13 29.12 14.58
C ASN H 51 -2.62 27.78 15.12
N ARG H 52 -1.95 26.69 14.79
CA ARG H 52 -2.43 25.38 15.21
C ARG H 52 -2.50 25.24 16.74
N TYR H 53 -1.46 25.67 17.42
CA TYR H 53 -1.42 25.61 18.88
C TYR H 53 -2.58 26.38 19.53
N ALA H 54 -2.83 27.60 19.04
CA ALA H 54 -3.92 28.42 19.58
C ALA H 54 -5.22 27.66 19.40
N TYR H 55 -5.34 26.96 18.28
CA TYR H 55 -6.55 26.21 17.98
C TYR H 55 -6.71 25.08 18.97
N VAL H 56 -5.65 24.28 19.13
CA VAL H 56 -5.70 23.12 20.03
C VAL H 56 -5.89 23.56 21.48
N LEU H 57 -5.25 24.66 21.87
CA LEU H 57 -5.35 25.14 23.24
C LEU H 57 -6.78 25.53 23.62
N SER H 58 -7.42 26.27 22.73
CA SER H 58 -8.79 26.71 22.94
C SER H 58 -9.78 25.54 22.90
N SER H 59 -9.55 24.58 22.01
CA SER H 59 -10.44 23.41 21.90
C SER H 59 -10.47 22.52 23.15
N LEU H 60 -9.30 22.19 23.72
CA LEU H 60 -9.22 21.37 24.92
C LEU H 60 -9.85 22.12 26.07
N MET H 61 -9.67 23.43 26.07
CA MET H 61 -10.31 24.29 27.08
C MET H 61 -11.83 24.26 26.92
N PHE H 62 -12.31 24.26 25.67
CA PHE H 62 -13.75 24.23 25.40
C PHE H 62 -14.33 22.90 25.91
N ALA H 63 -13.65 21.81 25.59
CA ALA H 63 -14.09 20.46 25.99
C ALA H 63 -14.13 20.32 27.51
N ASN H 64 -13.14 20.90 28.18
CA ASN H 64 -13.09 20.83 29.63
C ASN H 64 -14.26 21.56 30.25
N MET H 65 -14.58 22.74 29.73
CA MET H 65 -15.70 23.52 30.23
C MET H 65 -17.01 22.74 30.01
N LYS H 66 -17.09 22.06 28.87
CA LYS H 66 -18.26 21.23 28.55
C LYS H 66 -18.34 20.07 29.54
N VAL H 67 -17.18 19.48 29.85
CA VAL H 67 -17.10 18.44 30.87
C VAL H 67 -17.55 19.00 32.20
N LEU H 68 -17.06 20.22 32.49
CA LEU H 68 -17.37 20.91 33.73
C LEU H 68 -18.83 21.20 33.86
N GLY H 69 -19.49 21.42 32.74
CA GLY H 69 -20.91 21.73 32.76
C GLY H 69 -21.12 23.21 32.99
N VAL H 70 -20.18 24.00 32.47
CA VAL H 70 -20.22 25.46 32.63
C VAL H 70 -21.40 26.05 31.86
N LYS H 71 -22.18 26.89 32.54
CA LYS H 71 -23.36 27.49 31.93
C LYS H 71 -22.96 28.39 30.78
N ASP H 72 -21.93 29.20 30.98
CA ASP H 72 -21.58 30.17 29.97
C ASP H 72 -20.36 29.75 29.13
N MET H 73 -20.60 29.44 27.87
CA MET H 73 -19.57 29.00 26.94
C MET H 73 -19.04 30.23 26.21
N SER H 74 -19.60 31.37 26.55
CA SER H 74 -19.28 32.62 25.88
C SER H 74 -17.80 33.04 25.97
N PRO H 75 -17.17 32.90 27.16
CA PRO H 75 -15.77 33.32 27.18
C PRO H 75 -14.90 32.49 26.22
N ILE H 76 -15.06 31.18 26.25
CA ILE H 76 -14.31 30.31 25.36
C ILE H 76 -14.72 30.46 23.87
N LEU H 77 -16.00 30.66 23.62
CA LEU H 77 -16.44 30.80 22.24
C LEU H 77 -15.82 32.04 21.59
N GLY H 78 -15.72 33.13 22.37
CA GLY H 78 -15.14 34.39 21.91
C GLY H 78 -13.69 34.21 21.50
N GLU H 79 -13.00 33.40 22.29
CA GLU H 79 -11.62 33.06 21.99
C GLU H 79 -11.51 32.34 20.69
N LEU H 80 -12.45 31.43 20.46
CA LEU H 80 -12.40 30.56 19.29
C LEU H 80 -12.45 31.37 18.00
N LYS H 81 -13.26 32.43 17.98
CA LYS H 81 -13.31 33.27 16.80
C LYS H 81 -12.01 33.96 16.48
N ARG H 82 -11.28 34.43 17.51
CA ARG H 82 -9.99 35.08 17.27
C ARG H 82 -9.02 34.14 16.60
N VAL H 83 -9.12 32.87 16.98
CA VAL H 83 -8.32 31.82 16.38
C VAL H 83 -8.66 31.70 14.91
N LYS H 84 -9.95 31.72 14.58
CA LYS H 84 -10.38 31.60 13.19
C LYS H 84 -9.90 32.81 12.37
N SER H 85 -9.96 33.98 12.99
CA SER H 85 -9.52 35.22 12.34
C SER H 85 -8.09 35.10 11.86
N TYR H 86 -7.22 34.66 12.75
CA TYR H 86 -5.81 34.55 12.40
C TYR H 86 -5.64 33.41 11.39
N MET H 87 -6.48 32.39 11.50
CA MET H 87 -6.50 31.32 10.50
C MET H 87 -7.10 31.77 9.17
N ASP H 88 -8.15 32.61 9.21
CA ASP H 88 -8.67 33.14 7.95
C ASP H 88 -7.65 34.05 7.30
N LYS H 89 -7.01 34.88 8.11
CA LYS H 89 -6.01 35.83 7.65
C LYS H 89 -4.81 35.15 6.99
N ALA H 90 -4.40 34.00 7.52
CA ALA H 90 -3.35 33.17 6.92
C ALA H 90 -3.79 32.66 5.58
N LYS H 91 -5.01 32.17 5.56
CA LYS H 91 -5.64 31.62 4.38
C LYS H 91 -5.83 32.70 3.33
N GLN H 92 -6.27 33.89 3.75
CA GLN H 92 -6.44 35.03 2.85
C GLN H 92 -5.06 35.47 2.32
N TYR H 93 -4.04 35.34 3.16
CA TYR H 93 -2.66 35.60 2.75
C TYR H 93 -2.24 34.63 1.66
N ASP H 94 -2.59 33.36 1.85
CA ASP H 94 -2.20 32.28 0.96
C ASP H 94 -2.75 32.47 -0.45
N ASP I 5 -14.44 23.49 7.38
CA ASP I 5 -14.29 24.35 8.55
C ASP I 5 -13.82 23.55 9.76
N LEU I 6 -12.92 24.15 10.55
CA LEU I 6 -12.40 23.51 11.75
C LEU I 6 -13.19 23.96 12.98
N PHE I 7 -13.92 25.07 12.86
CA PHE I 7 -14.65 25.62 13.99
C PHE I 7 -16.11 25.16 14.02
N ASP I 8 -16.49 24.30 13.07
CA ASP I 8 -17.84 23.74 12.99
C ASP I 8 -18.25 22.98 14.26
N VAL I 9 -17.29 22.30 14.89
CA VAL I 9 -17.55 21.50 16.09
C VAL I 9 -18.03 22.35 17.29
N PHE I 10 -17.61 23.62 17.31
CA PHE I 10 -17.94 24.53 18.40
C PHE I 10 -19.29 25.22 18.17
N GLU I 11 -19.72 25.22 16.91
CA GLU I 11 -20.99 25.82 16.53
C GLU I 11 -22.14 24.87 16.78
N GLU I 12 -21.96 23.61 16.36
CA GLU I 12 -22.98 22.58 16.51
C GLU I 12 -23.61 22.56 17.91
Y YT3 J . -17.75 -24.17 -17.67
Y YT3 K . -1.96 -43.98 -10.44
Y YT3 L . -29.10 -31.88 -3.35
Y YT3 M . -30.93 -29.32 -4.69
Y YT3 N . -33.04 -28.49 -1.85
Y YT3 O . -29.85 -33.26 -0.08
Y YT3 P . -15.01 -13.50 -14.97
Y YT3 Q . 5.72 -25.48 6.06
Y YT3 R . 3.71 13.83 -23.02
Y YT3 S . 19.01 19.09 -3.13
Y YT3 T . 17.75 22.14 -34.53
Y YT3 U . 17.37 18.66 -35.86
Y YT3 V . 21.26 18.72 -36.02
Y YT3 W . 1.45 2.85 -25.59
Y YT3 X . 25.96 -5.39 -7.00
Y YT3 Y . 4.62 15.05 27.84
Y YT3 Z . -3.31 14.36 36.88
Y YT3 AA . -2.38 31.99 44.42
Y YT3 BA . -3.67 35.06 43.14
Y YT3 CA . -0.09 43.72 13.62
Y YT3 DA . -5.41 32.13 43.53
Y YT3 EA . -18.87 27.21 9.57
#